data_8BUV
#
_entry.id   8BUV
#
_cell.length_a   53.840
_cell.length_b   65.160
_cell.length_c   69.790
_cell.angle_alpha   90.000
_cell.angle_beta   99.900
_cell.angle_gamma   90.000
#
_symmetry.space_group_name_H-M   'P 1 21 1'
#
loop_
_entity.id
_entity.type
_entity.pdbx_description
1 polymer Integrase
2 non-polymer 'MAGNESIUM ION'
3 non-polymer 1,2-ETHANEDIOL
4 non-polymer '(6-chloro-2-oxo-4-phenyl-1,2-dihydroquinolin-3-yl)acetic acid'
5 water water
#
_entity_poly.entity_id   1
_entity_poly.type   'polypeptide(L)'
_entity_poly.pdbx_seq_one_letter_code
;SIQNFRVYYRDSRDPVWKGPAKLLEKGEGAVVIQDNSDIKVVPRRKAKIIRDYGKQMAGDDCVASRQDEDMHGQVDCSPG
IWQLDCTHLEGKVILVAVHVASGYIEAEVIPAETGQETAYFLLKLAGRWPVKTVHTDNGSNFTSTTVKAACWWAGIKQEF
GIPYNPQSQGVIESMNKELKKIIGQVRDQAEHLKTAVQMAVFIHNKKRKGGIGGYSAGERIVDIIATDIQTKE
;
_entity_poly.pdbx_strand_id   A,B,C,D
#
# COMPACT_ATOMS: atom_id res chain seq x y z
N GLN A 3 4.69 -29.01 -11.27
CA GLN A 3 5.53 -27.85 -11.54
C GLN A 3 4.78 -26.55 -11.34
N ASN A 4 3.75 -26.33 -12.17
CA ASN A 4 3.02 -25.07 -12.16
C ASN A 4 1.98 -24.98 -11.06
N PHE A 5 1.53 -26.11 -10.50
CA PHE A 5 0.44 -26.10 -9.55
C PHE A 5 0.88 -26.67 -8.21
N ARG A 6 0.46 -26.00 -7.14
CA ARG A 6 0.57 -26.51 -5.78
C ARG A 6 -0.81 -26.52 -5.14
N VAL A 7 -1.11 -27.56 -4.38
CA VAL A 7 -2.40 -27.72 -3.74
C VAL A 7 -2.20 -27.74 -2.23
N TYR A 8 -2.92 -26.87 -1.53
CA TYR A 8 -2.99 -26.90 -0.08
C TYR A 8 -4.40 -27.28 0.33
N TYR A 9 -4.53 -28.08 1.38
CA TYR A 9 -5.80 -28.73 1.67
C TYR A 9 -5.92 -28.98 3.16
N ARG A 10 -7.15 -29.30 3.58
CA ARG A 10 -7.44 -29.73 4.93
C ARG A 10 -8.11 -31.09 4.89
N ASP A 11 -7.75 -31.95 5.83
CA ASP A 11 -8.38 -33.27 5.97
C ASP A 11 -8.23 -33.72 7.42
N SER A 12 -8.83 -34.88 7.72
CA SER A 12 -8.84 -35.44 9.06
C SER A 12 -9.29 -34.42 10.11
N ARG A 13 -10.31 -33.65 9.77
CA ARG A 13 -10.88 -32.62 10.64
C ARG A 13 -9.83 -31.61 11.14
N ASP A 14 -8.71 -31.48 10.44
CA ASP A 14 -7.62 -30.62 10.88
C ASP A 14 -7.71 -29.26 10.19
N PRO A 15 -7.91 -28.17 10.94
CA PRO A 15 -8.07 -26.86 10.27
C PRO A 15 -6.79 -26.30 9.67
N VAL A 16 -5.61 -26.75 10.11
CA VAL A 16 -4.36 -26.22 9.55
C VAL A 16 -4.17 -26.76 8.14
N TRP A 17 -3.73 -25.89 7.23
CA TRP A 17 -3.59 -26.26 5.84
C TRP A 17 -2.35 -27.12 5.63
N LYS A 18 -2.54 -28.28 5.04
CA LYS A 18 -1.45 -29.21 4.72
C LYS A 18 -1.02 -29.02 3.28
N GLY A 19 0.18 -29.50 2.98
CA GLY A 19 0.73 -29.37 1.65
C GLY A 19 2.14 -28.85 1.67
N PRO A 20 2.67 -28.47 0.50
CA PRO A 20 2.03 -28.49 -0.83
C PRO A 20 1.89 -29.90 -1.41
N ALA A 21 0.79 -30.16 -2.12
CA ALA A 21 0.54 -31.44 -2.74
C ALA A 21 0.51 -31.29 -4.26
N LYS A 22 0.81 -32.38 -4.96
CA LYS A 22 0.77 -32.37 -6.41
C LYS A 22 -0.67 -32.49 -6.90
N LEU A 23 -1.03 -31.67 -7.88
CA LEU A 23 -2.36 -31.71 -8.46
C LEU A 23 -2.43 -32.79 -9.54
N LEU A 24 -3.30 -33.78 -9.34
CA LEU A 24 -3.54 -34.83 -10.33
C LEU A 24 -4.76 -34.54 -11.19
N GLU A 25 -5.89 -34.21 -10.58
CA GLU A 25 -7.09 -33.85 -11.33
C GLU A 25 -7.91 -32.86 -10.51
N LYS A 26 -8.58 -31.95 -11.22
CA LYS A 26 -9.48 -30.97 -10.62
C LYS A 26 -10.88 -31.20 -11.17
N GLY A 27 -11.80 -31.61 -10.29
CA GLY A 27 -13.21 -31.67 -10.62
C GLY A 27 -13.97 -30.52 -10.00
N GLU A 28 -15.24 -30.41 -10.38
CA GLU A 28 -16.07 -29.35 -9.82
C GLU A 28 -16.44 -29.62 -8.36
N GLY A 29 -16.41 -30.88 -7.93
CA GLY A 29 -16.76 -31.21 -6.57
C GLY A 29 -15.61 -31.68 -5.72
N ALA A 30 -14.55 -32.20 -6.35
CA ALA A 30 -13.41 -32.71 -5.61
C ALA A 30 -12.16 -32.61 -6.48
N VAL A 31 -11.00 -32.69 -5.83
CA VAL A 31 -9.72 -32.70 -6.51
C VAL A 31 -8.95 -33.94 -6.08
N VAL A 32 -8.14 -34.46 -7.00
CA VAL A 32 -7.29 -35.62 -6.74
C VAL A 32 -5.86 -35.11 -6.59
N ILE A 33 -5.25 -35.37 -5.44
CA ILE A 33 -3.92 -34.86 -5.14
C ILE A 33 -3.03 -35.99 -4.65
N GLN A 34 -1.72 -35.73 -4.67
CA GLN A 34 -0.72 -36.62 -4.11
C GLN A 34 0.15 -35.82 -3.16
N ASP A 35 0.21 -36.25 -1.90
CA ASP A 35 1.06 -35.60 -0.90
C ASP A 35 2.03 -36.64 -0.35
N ASN A 36 3.31 -36.51 -0.72
CA ASN A 36 4.39 -37.41 -0.32
C ASN A 36 3.98 -38.87 -0.42
N SER A 37 3.79 -39.36 -1.65
CA SER A 37 3.41 -40.73 -1.99
C SER A 37 2.00 -41.11 -1.56
N ASP A 38 1.25 -40.23 -0.91
CA ASP A 38 -0.11 -40.52 -0.50
C ASP A 38 -1.07 -39.87 -1.49
N ILE A 39 -1.96 -40.69 -2.06
CA ILE A 39 -2.99 -40.19 -2.96
C ILE A 39 -4.25 -39.89 -2.16
N LYS A 40 -4.79 -38.67 -2.32
CA LYS A 40 -5.95 -38.24 -1.56
C LYS A 40 -6.97 -37.60 -2.49
N VAL A 41 -8.24 -37.73 -2.12
CA VAL A 41 -9.35 -37.06 -2.80
C VAL A 41 -9.95 -36.08 -1.80
N VAL A 42 -9.97 -34.79 -2.17
CA VAL A 42 -10.38 -33.73 -1.26
C VAL A 42 -11.48 -32.89 -1.90
N PRO A 43 -12.54 -32.57 -1.18
CA PRO A 43 -13.57 -31.66 -1.73
C PRO A 43 -12.99 -30.31 -2.11
N ARG A 44 -13.66 -29.65 -3.05
CA ARG A 44 -13.18 -28.37 -3.58
C ARG A 44 -13.04 -27.32 -2.48
N ARG A 45 -14.03 -27.22 -1.59
CA ARG A 45 -13.99 -26.21 -0.55
C ARG A 45 -12.84 -26.41 0.44
N LYS A 46 -12.31 -27.63 0.53
CA LYS A 46 -11.21 -27.92 1.44
C LYS A 46 -9.86 -27.95 0.72
N ALA A 47 -9.79 -27.45 -0.51
CA ALA A 47 -8.57 -27.43 -1.28
C ALA A 47 -8.38 -26.06 -1.92
N LYS A 48 -7.13 -25.61 -1.98
CA LYS A 48 -6.76 -24.38 -2.66
C LYS A 48 -5.67 -24.70 -3.67
N ILE A 49 -6.02 -24.67 -4.94
CA ILE A 49 -5.07 -24.92 -6.03
C ILE A 49 -4.44 -23.59 -6.41
N ILE A 50 -3.14 -23.47 -6.19
CA ILE A 50 -2.42 -22.22 -6.39
C ILE A 50 -1.33 -22.44 -7.43
N ARG A 51 -1.36 -21.61 -8.48
CA ARG A 51 -0.39 -21.69 -9.56
C ARG A 51 0.62 -20.57 -9.40
N ASP A 52 1.85 -20.80 -9.87
CA ASP A 52 2.83 -19.73 -9.95
C ASP A 52 2.47 -18.75 -11.07
N TYR A 53 1.21 -18.31 -11.08
CA TYR A 53 0.71 -17.48 -12.18
C TYR A 53 1.44 -16.14 -12.22
N GLY A 54 1.50 -15.45 -11.07
CA GLY A 54 2.25 -14.21 -11.04
C GLY A 54 3.72 -14.40 -11.34
N LYS A 55 4.31 -15.49 -10.83
CA LYS A 55 5.71 -15.79 -11.09
C LYS A 55 5.98 -15.90 -12.59
N GLN A 56 5.15 -16.68 -13.30
CA GLN A 56 5.32 -16.82 -14.74
C GLN A 56 4.97 -15.53 -15.47
N MET A 57 3.90 -14.86 -15.06
CA MET A 57 3.51 -13.59 -15.68
C MET A 57 4.51 -12.48 -15.41
N ALA A 58 5.42 -12.64 -14.45
CA ALA A 58 6.43 -11.64 -14.18
C ALA A 58 7.78 -12.08 -14.73
N SER B 78 20.28 -8.58 -5.00
CA SER B 78 20.32 -7.62 -3.92
C SER B 78 19.19 -6.57 -3.99
N PRO B 79 18.87 -6.03 -5.17
CA PRO B 79 17.73 -5.11 -5.26
C PRO B 79 16.38 -5.74 -5.00
N GLY B 80 16.32 -7.06 -4.77
CA GLY B 80 15.04 -7.73 -4.58
C GLY B 80 14.90 -8.36 -3.21
N ILE B 81 15.78 -7.98 -2.27
CA ILE B 81 15.79 -8.56 -0.94
C ILE B 81 15.07 -7.62 0.02
N TRP B 82 14.11 -8.15 0.76
CA TRP B 82 13.33 -7.39 1.72
C TRP B 82 13.33 -8.09 3.07
N GLN B 83 13.20 -7.31 4.14
CA GLN B 83 13.03 -7.83 5.49
C GLN B 83 11.69 -7.38 6.03
N LEU B 84 10.91 -8.33 6.55
CA LEU B 84 9.59 -8.04 7.12
C LEU B 84 9.56 -8.45 8.58
N ASP B 85 8.83 -7.67 9.38
CA ASP B 85 8.64 -7.98 10.79
C ASP B 85 7.44 -7.17 11.29
N CYS B 86 6.93 -7.59 12.44
CA CYS B 86 5.82 -6.90 13.09
C CYS B 86 6.31 -6.20 14.35
N THR B 87 5.74 -5.02 14.62
CA THR B 87 5.94 -4.32 15.87
C THR B 87 4.57 -3.86 16.37
N HIS B 88 4.51 -3.46 17.63
CA HIS B 88 3.24 -3.16 18.28
C HIS B 88 3.25 -1.78 18.92
N LEU B 89 2.12 -1.08 18.77
CA LEU B 89 1.88 0.21 19.40
C LEU B 89 0.38 0.32 19.67
N GLU B 90 0.05 0.79 20.88
CA GLU B 90 -1.35 1.01 21.27
C GLU B 90 -2.19 -0.25 21.09
N GLY B 91 -1.57 -1.40 21.37
CA GLY B 91 -2.25 -2.67 21.23
C GLY B 91 -2.52 -3.11 19.81
N LYS B 92 -1.98 -2.40 18.82
CA LYS B 92 -2.23 -2.69 17.42
C LYS B 92 -0.96 -3.19 16.76
N VAL B 93 -1.13 -3.96 15.69
CA VAL B 93 -0.04 -4.63 15.00
C VAL B 93 0.37 -3.80 13.79
N ILE B 94 1.67 -3.49 13.70
CA ILE B 94 2.23 -2.77 12.56
C ILE B 94 3.17 -3.73 11.84
N LEU B 95 2.87 -4.01 10.58
CA LEU B 95 3.69 -4.86 9.73
C LEU B 95 4.61 -3.96 8.91
N VAL B 96 5.92 -4.20 9.01
CA VAL B 96 6.93 -3.33 8.42
C VAL B 96 7.75 -4.14 7.42
N ALA B 97 7.95 -3.58 6.23
CA ALA B 97 8.81 -4.14 5.21
C ALA B 97 9.90 -3.12 4.89
N VAL B 98 11.15 -3.57 4.87
N VAL B 98 11.15 -3.57 4.86
CA VAL B 98 12.28 -2.69 4.58
CA VAL B 98 12.31 -2.73 4.58
C VAL B 98 13.08 -3.28 3.43
C VAL B 98 13.06 -3.30 3.40
N HIS B 99 13.35 -2.46 2.42
CA HIS B 99 14.25 -2.82 1.33
C HIS B 99 15.68 -2.69 1.86
N VAL B 100 16.35 -3.82 2.06
CA VAL B 100 17.59 -3.84 2.83
C VAL B 100 18.66 -2.97 2.19
N ALA B 101 18.78 -3.02 0.86
CA ALA B 101 19.84 -2.29 0.19
C ALA B 101 19.67 -0.78 0.27
N SER B 102 18.45 -0.28 0.46
CA SER B 102 18.20 1.14 0.43
C SER B 102 17.74 1.74 1.76
N GLY B 103 17.20 0.93 2.67
CA GLY B 103 16.59 1.46 3.86
C GLY B 103 15.17 1.97 3.68
N TYR B 104 14.64 1.91 2.46
CA TYR B 104 13.26 2.26 2.21
C TYR B 104 12.33 1.33 2.98
N ILE B 105 11.22 1.87 3.48
CA ILE B 105 10.30 1.10 4.30
C ILE B 105 8.87 1.32 3.83
N GLU B 106 8.03 0.33 4.13
CA GLU B 106 6.57 0.45 4.04
C GLU B 106 5.97 -0.16 5.29
N ALA B 107 4.85 0.40 5.73
CA ALA B 107 4.21 -0.08 6.95
C ALA B 107 2.71 0.01 6.82
N GLU B 108 2.04 -0.98 7.43
CA GLU B 108 0.59 -1.02 7.51
C GLU B 108 0.20 -1.43 8.92
N VAL B 109 -0.82 -0.81 9.47
CA VAL B 109 -1.47 -1.35 10.65
C VAL B 109 -2.43 -2.44 10.18
N ILE B 110 -2.24 -3.65 10.68
CA ILE B 110 -3.07 -4.78 10.23
C ILE B 110 -3.98 -5.20 11.38
N PRO B 111 -5.22 -5.62 11.09
CA PRO B 111 -6.15 -5.92 12.18
C PRO B 111 -5.81 -7.16 12.98
N ALA B 112 -4.96 -8.04 12.44
CA ALA B 112 -4.56 -9.24 13.16
C ALA B 112 -3.21 -9.70 12.65
N GLU B 113 -2.41 -10.25 13.55
CA GLU B 113 -1.05 -10.72 13.23
C GLU B 113 -1.11 -12.14 12.67
N THR B 114 -1.76 -12.28 11.52
CA THR B 114 -2.08 -13.58 10.95
C THR B 114 -1.42 -13.78 9.60
N GLY B 115 -1.40 -15.03 9.14
CA GLY B 115 -0.90 -15.31 7.81
C GLY B 115 -1.78 -14.70 6.73
N GLN B 116 -3.08 -14.60 6.98
CA GLN B 116 -3.99 -14.00 6.01
C GLN B 116 -3.63 -12.54 5.75
N GLU B 117 -3.43 -11.77 6.82
CA GLU B 117 -3.09 -10.37 6.66
C GLU B 117 -1.66 -10.20 6.13
N THR B 118 -0.74 -11.05 6.58
CA THR B 118 0.64 -10.96 6.10
C THR B 118 0.72 -11.27 4.61
N ALA B 119 -0.04 -12.27 4.15
CA ALA B 119 -0.01 -12.63 2.73
C ALA B 119 -0.59 -11.51 1.87
N TYR B 120 -1.66 -10.86 2.33
CA TYR B 120 -2.23 -9.74 1.59
C TYR B 120 -1.23 -8.58 1.50
N PHE B 121 -0.51 -8.31 2.60
CA PHE B 121 0.52 -7.27 2.58
C PHE B 121 1.61 -7.60 1.57
N LEU B 122 1.99 -8.87 1.48
CA LEU B 122 3.06 -9.26 0.55
C LEU B 122 2.62 -9.13 -0.90
N LEU B 123 1.39 -9.54 -1.21
CA LEU B 123 0.91 -9.44 -2.58
C LEU B 123 0.86 -8.00 -3.05
N LYS B 124 0.45 -7.08 -2.18
CA LYS B 124 0.49 -5.66 -2.51
C LYS B 124 1.93 -5.20 -2.72
N LEU B 125 2.81 -5.57 -1.79
CA LEU B 125 4.22 -5.17 -1.89
C LEU B 125 4.86 -5.75 -3.14
N ALA B 126 4.58 -7.03 -3.45
CA ALA B 126 5.18 -7.67 -4.61
C ALA B 126 4.74 -7.02 -5.91
N GLY B 127 3.55 -6.41 -5.93
CA GLY B 127 3.09 -5.74 -7.12
C GLY B 127 3.70 -4.38 -7.35
N ARG B 128 4.30 -3.79 -6.31
CA ARG B 128 4.91 -2.47 -6.41
C ARG B 128 6.38 -2.55 -6.79
N TRP B 129 7.12 -3.44 -6.15
CA TRP B 129 8.57 -3.56 -6.28
C TRP B 129 8.95 -4.96 -6.70
N PRO B 130 10.14 -5.13 -7.29
CA PRO B 130 10.63 -6.49 -7.53
C PRO B 130 11.01 -7.17 -6.23
N VAL B 131 10.11 -7.98 -5.70
CA VAL B 131 10.31 -8.67 -4.42
C VAL B 131 10.70 -10.10 -4.73
N LYS B 132 11.98 -10.41 -4.55
CA LYS B 132 12.52 -11.74 -4.85
C LYS B 132 12.77 -12.58 -3.61
N THR B 133 13.24 -11.96 -2.53
CA THR B 133 13.57 -12.69 -1.31
C THR B 133 13.09 -11.89 -0.11
N VAL B 134 12.42 -12.54 0.82
CA VAL B 134 11.96 -11.92 2.06
C VAL B 134 12.61 -12.63 3.24
N HIS B 135 13.17 -11.85 4.16
CA HIS B 135 13.78 -12.35 5.39
C HIS B 135 12.89 -11.98 6.56
N THR B 136 12.44 -12.97 7.31
CA THR B 136 11.64 -12.75 8.51
C THR B 136 12.17 -13.62 9.64
N ASP B 137 11.64 -13.38 10.84
CA ASP B 137 11.87 -14.30 11.94
C ASP B 137 10.88 -15.47 11.80
N ASN B 138 10.77 -16.30 12.83
CA ASN B 138 9.92 -17.47 12.79
C ASN B 138 8.55 -17.22 13.41
N GLY B 139 8.05 -15.99 13.32
CA GLY B 139 6.69 -15.72 13.77
C GLY B 139 5.68 -16.54 12.98
N SER B 140 4.64 -16.99 13.69
CA SER B 140 3.67 -17.90 13.07
C SER B 140 3.04 -17.31 11.83
N ASN B 141 2.84 -15.99 11.80
CA ASN B 141 2.25 -15.37 10.61
C ASN B 141 3.22 -15.43 9.43
N PHE B 142 4.53 -15.40 9.67
CA PHE B 142 5.49 -15.42 8.58
C PHE B 142 5.78 -16.83 8.09
N THR B 143 5.62 -17.84 8.95
CA THR B 143 5.82 -19.23 8.55
C THR B 143 4.50 -19.91 8.18
N SER B 144 3.40 -19.16 8.17
CA SER B 144 2.09 -19.74 7.89
C SER B 144 2.01 -20.27 6.47
N THR B 145 1.11 -21.23 6.26
CA THR B 145 0.88 -21.80 4.95
C THR B 145 0.31 -20.77 3.98
N THR B 146 -0.53 -19.86 4.48
CA THR B 146 -1.12 -18.84 3.60
C THR B 146 -0.04 -17.96 2.98
N VAL B 147 0.99 -17.61 3.77
CA VAL B 147 2.08 -16.81 3.23
C VAL B 147 2.90 -17.61 2.23
N LYS B 148 3.13 -18.90 2.52
CA LYS B 148 3.82 -19.76 1.56
C LYS B 148 3.06 -19.81 0.24
N ALA B 149 1.73 -19.83 0.30
CA ALA B 149 0.91 -19.81 -0.91
C ALA B 149 1.12 -18.53 -1.69
N ALA B 150 1.11 -17.39 -1.00
CA ALA B 150 1.29 -16.10 -1.66
C ALA B 150 2.67 -15.99 -2.28
N CYS B 151 3.70 -16.46 -1.58
CA CYS B 151 5.06 -16.39 -2.12
C CYS B 151 5.22 -17.29 -3.34
N TRP B 152 4.54 -18.44 -3.36
CA TRP B 152 4.57 -19.30 -4.53
C TRP B 152 3.88 -18.64 -5.73
N TRP B 153 2.76 -17.98 -5.48
CA TRP B 153 2.05 -17.31 -6.58
C TRP B 153 2.87 -16.17 -7.17
N ALA B 154 3.58 -15.42 -6.33
CA ALA B 154 4.31 -14.24 -6.76
C ALA B 154 5.77 -14.51 -7.07
N GLY B 155 6.27 -15.71 -6.83
CA GLY B 155 7.67 -15.99 -7.08
C GLY B 155 8.62 -15.41 -6.06
N ILE B 156 8.29 -15.53 -4.77
CA ILE B 156 9.09 -14.96 -3.69
C ILE B 156 9.76 -16.09 -2.93
N LYS B 157 11.07 -15.99 -2.74
CA LYS B 157 11.82 -16.91 -1.90
C LYS B 157 11.79 -16.44 -0.46
N GLN B 158 11.57 -17.38 0.46
CA GLN B 158 11.50 -17.09 1.88
C GLN B 158 12.73 -17.62 2.59
N GLU B 159 13.26 -16.82 3.53
CA GLU B 159 14.38 -17.24 4.37
C GLU B 159 14.10 -16.75 5.79
N PHE B 160 14.42 -17.60 6.76
CA PHE B 160 14.07 -17.34 8.15
C PHE B 160 15.33 -17.31 9.02
N GLY B 161 15.26 -16.56 10.11
CA GLY B 161 16.37 -16.42 11.03
C GLY B 161 17.51 -15.58 10.48
N GLN B 169 22.12 -8.08 9.62
CA GLN B 169 20.94 -8.51 10.39
C GLN B 169 20.57 -7.41 11.38
N GLY B 170 19.46 -7.62 12.10
CA GLY B 170 18.93 -6.59 12.97
C GLY B 170 18.47 -5.32 12.28
N VAL B 171 18.55 -5.27 10.94
CA VAL B 171 18.15 -4.06 10.21
C VAL B 171 16.69 -3.73 10.48
N ILE B 172 15.82 -4.73 10.43
CA ILE B 172 14.40 -4.50 10.65
C ILE B 172 14.12 -4.23 12.12
N GLU B 173 14.84 -4.92 13.02
CA GLU B 173 14.70 -4.65 14.45
C GLU B 173 15.07 -3.20 14.76
N SER B 174 16.19 -2.73 14.20
CA SER B 174 16.58 -1.34 14.38
C SER B 174 15.62 -0.40 13.65
N MET B 175 14.98 -0.89 12.59
CA MET B 175 14.01 -0.05 11.88
C MET B 175 12.72 0.10 12.67
N ASN B 176 12.30 -0.93 13.39
CA ASN B 176 11.12 -0.82 14.24
C ASN B 176 11.30 0.28 15.28
N LYS B 177 12.47 0.35 15.92
CA LYS B 177 12.72 1.41 16.88
C LYS B 177 12.74 2.77 16.20
N GLU B 178 13.36 2.87 15.02
CA GLU B 178 13.38 4.13 14.30
C GLU B 178 11.98 4.56 13.89
N LEU B 179 11.15 3.63 13.44
CA LEU B 179 9.79 3.96 13.05
C LEU B 179 8.98 4.43 14.25
N LYS B 180 9.10 3.74 15.39
CA LYS B 180 8.37 4.14 16.59
C LYS B 180 8.81 5.51 17.08
N LYS B 181 10.09 5.84 16.92
CA LYS B 181 10.57 7.16 17.33
C LYS B 181 9.88 8.26 16.52
N ILE B 182 9.80 8.08 15.20
CA ILE B 182 9.17 9.08 14.35
C ILE B 182 7.66 9.14 14.61
N ILE B 183 7.04 8.00 14.92
CA ILE B 183 5.61 7.99 15.20
C ILE B 183 5.30 8.88 16.40
N GLY B 184 6.07 8.74 17.48
CA GLY B 184 5.84 9.55 18.66
C GLY B 184 6.03 11.03 18.42
N GLN B 185 6.93 11.39 17.50
CA GLN B 185 7.16 12.80 17.18
C GLN B 185 5.94 13.43 16.51
N VAL B 186 5.20 12.66 15.72
CA VAL B 186 4.06 13.17 14.96
C VAL B 186 2.74 12.59 15.46
N ARG B 187 2.76 11.92 16.62
CA ARG B 187 1.55 11.22 17.08
C ARG B 187 0.43 12.21 17.39
N ASP B 188 0.76 13.37 17.96
CA ASP B 188 -0.26 14.35 18.31
C ASP B 188 -0.85 15.04 17.08
N GLN B 189 -0.26 14.86 15.91
CA GLN B 189 -0.79 15.46 14.68
C GLN B 189 -1.90 14.64 14.05
N ALA B 190 -2.29 13.52 14.66
CA ALA B 190 -3.31 12.66 14.09
C ALA B 190 -4.06 11.96 15.21
N GLU B 191 -5.36 11.75 14.99
CA GLU B 191 -6.16 11.03 15.98
C GLU B 191 -5.87 9.53 15.93
N HIS B 192 -5.84 8.96 14.73
N HIS B 192 -5.83 8.96 14.73
CA HIS B 192 -5.69 7.52 14.57
CA HIS B 192 -5.71 7.52 14.56
C HIS B 192 -4.24 7.14 14.37
C HIS B 192 -4.25 7.13 14.36
N LEU B 193 -3.85 6.01 14.96
CA LEU B 193 -2.47 5.53 14.86
C LEU B 193 -2.09 5.26 13.41
N LYS B 194 -3.01 4.67 12.63
CA LYS B 194 -2.70 4.34 11.24
C LYS B 194 -2.31 5.58 10.46
N THR B 195 -2.88 6.74 10.78
CA THR B 195 -2.47 7.97 10.13
C THR B 195 -1.04 8.35 10.52
N ALA B 196 -0.72 8.26 11.82
CA ALA B 196 0.63 8.59 12.28
C ALA B 196 1.67 7.63 11.71
N VAL B 197 1.31 6.36 11.53
CA VAL B 197 2.25 5.40 10.97
C VAL B 197 2.64 5.81 9.56
N GLN B 198 1.67 6.21 8.74
CA GLN B 198 1.97 6.59 7.36
C GLN B 198 2.66 7.95 7.29
N MET B 199 2.40 8.83 8.26
CA MET B 199 3.21 10.05 8.36
C MET B 199 4.67 9.70 8.64
N ALA B 200 4.92 8.76 9.56
CA ALA B 200 6.27 8.39 9.92
C ALA B 200 6.98 7.70 8.76
N VAL B 201 6.28 6.86 8.01
CA VAL B 201 6.88 6.22 6.84
C VAL B 201 7.24 7.27 5.80
N PHE B 202 6.37 8.25 5.59
CA PHE B 202 6.68 9.35 4.69
C PHE B 202 7.96 10.05 5.12
N ILE B 203 8.04 10.44 6.40
CA ILE B 203 9.20 11.18 6.90
C ILE B 203 10.47 10.36 6.74
N HIS B 204 10.42 9.07 7.05
CA HIS B 204 11.61 8.24 6.97
C HIS B 204 12.11 8.12 5.53
N ASN B 205 11.20 7.98 4.58
CA ASN B 205 11.60 7.77 3.19
C ASN B 205 11.99 9.06 2.48
N LYS B 206 11.51 10.21 2.94
CA LYS B 206 11.80 11.48 2.28
C LYS B 206 12.98 12.22 2.90
N LYS B 207 13.45 11.80 4.07
CA LYS B 207 14.48 12.55 4.78
C LYS B 207 15.83 12.41 4.07
N ARG B 208 16.49 13.55 3.86
CA ARG B 208 17.77 13.56 3.18
C ARG B 208 18.91 13.24 4.15
N LYS B 209 19.95 12.59 3.62
CA LYS B 209 21.10 12.19 4.42
C LYS B 209 22.11 13.33 4.55
N GLY B 214 23.34 14.33 -0.14
CA GLY B 214 22.84 13.02 0.22
C GLY B 214 21.49 12.70 -0.39
N TYR B 215 21.14 11.42 -0.42
CA TYR B 215 19.89 10.95 -0.98
C TYR B 215 18.98 10.42 0.12
N SER B 216 17.68 10.42 -0.15
CA SER B 216 16.72 9.83 0.77
C SER B 216 16.58 8.34 0.48
N ALA B 217 15.95 7.62 1.42
CA ALA B 217 15.70 6.20 1.22
C ALA B 217 14.80 5.97 0.02
N GLY B 218 13.79 6.81 -0.16
CA GLY B 218 12.91 6.67 -1.32
C GLY B 218 13.63 6.89 -2.63
N GLU B 219 14.59 7.81 -2.65
CA GLU B 219 15.39 8.00 -3.86
C GLU B 219 16.36 6.85 -4.07
N ARG B 220 16.87 6.25 -2.99
CA ARG B 220 17.86 5.20 -3.12
C ARG B 220 17.27 3.93 -3.72
N ILE B 221 16.07 3.53 -3.27
CA ILE B 221 15.49 2.29 -3.79
C ILE B 221 15.14 2.45 -5.26
N VAL B 222 14.61 3.61 -5.66
CA VAL B 222 14.34 3.85 -7.07
C VAL B 222 15.62 3.86 -7.87
N ASP B 223 16.69 4.44 -7.31
CA ASP B 223 17.98 4.45 -8.00
C ASP B 223 18.56 3.05 -8.11
N ILE B 224 18.49 2.26 -7.04
CA ILE B 224 19.07 0.92 -7.05
C ILE B 224 18.35 0.03 -8.06
N ILE B 225 17.01 0.07 -8.07
CA ILE B 225 16.25 -0.80 -8.95
C ILE B 225 16.39 -0.35 -10.41
N ALA B 226 16.33 0.96 -10.64
CA ALA B 226 16.47 1.46 -12.00
C ALA B 226 17.85 1.14 -12.57
N THR B 227 18.88 1.22 -11.73
CA THR B 227 20.21 0.87 -12.19
C THR B 227 20.28 -0.59 -12.62
N ASP B 228 19.59 -1.47 -11.89
CA ASP B 228 19.60 -2.87 -12.28
C ASP B 228 18.80 -3.10 -13.56
N ILE B 229 17.82 -2.23 -13.84
CA ILE B 229 17.03 -2.36 -15.05
C ILE B 229 17.80 -1.86 -16.27
N GLN B 230 18.46 -0.70 -16.15
CA GLN B 230 19.09 -0.06 -17.29
C GLN B 230 20.42 -0.71 -17.68
N THR B 231 21.09 -1.37 -16.74
CA THR B 231 22.38 -1.97 -17.05
C THR B 231 22.26 -3.33 -17.75
N LYS B 232 21.20 -4.09 -17.45
CA LYS B 232 21.03 -5.44 -17.99
C LYS B 232 21.29 -5.55 -19.48
N ASN C 4 3.21 27.78 5.97
CA ASN C 4 3.56 26.47 6.51
C ASN C 4 2.39 25.82 7.22
N PHE C 5 1.42 26.63 7.63
CA PHE C 5 0.29 26.16 8.42
C PHE C 5 -1.03 26.45 7.70
N ARG C 6 -1.92 25.46 7.71
CA ARG C 6 -3.30 25.64 7.30
C ARG C 6 -4.20 25.17 8.43
N VAL C 7 -5.31 25.87 8.64
CA VAL C 7 -6.22 25.57 9.73
C VAL C 7 -7.56 25.14 9.15
N TYR C 8 -8.04 23.98 9.59
CA TYR C 8 -9.37 23.50 9.29
C TYR C 8 -10.18 23.46 10.58
N TYR C 9 -11.47 23.81 10.49
CA TYR C 9 -12.23 24.12 11.70
C TYR C 9 -13.71 23.82 11.51
N ARG C 10 -14.42 23.77 12.63
CA ARG C 10 -15.87 23.67 12.70
C ARG C 10 -16.39 24.83 13.55
N ASP C 11 -17.58 25.34 13.21
CA ASP C 11 -18.11 26.44 14.01
C ASP C 11 -19.64 26.52 14.08
N SER C 12 -20.30 26.78 12.94
CA SER C 12 -21.74 27.02 12.92
C SER C 12 -22.56 25.74 13.11
N ARG C 13 -22.18 24.92 14.10
CA ARG C 13 -22.82 23.63 14.37
C ARG C 13 -22.78 22.71 13.15
N ASP C 14 -21.86 22.98 12.22
CA ASP C 14 -21.73 22.20 11.01
C ASP C 14 -20.63 21.17 11.22
N PRO C 15 -20.93 19.87 11.18
CA PRO C 15 -19.89 18.88 11.47
C PRO C 15 -18.82 18.78 10.40
N VAL C 16 -19.09 19.24 9.17
CA VAL C 16 -18.09 19.18 8.12
C VAL C 16 -17.00 20.21 8.40
N TRP C 17 -15.75 19.80 8.21
CA TRP C 17 -14.61 20.66 8.50
C TRP C 17 -14.43 21.69 7.39
N LYS C 18 -14.38 22.96 7.77
CA LYS C 18 -14.22 24.05 6.83
C LYS C 18 -12.75 24.43 6.70
N GLY C 19 -12.42 25.14 5.63
CA GLY C 19 -11.08 25.58 5.38
C GLY C 19 -10.61 25.28 3.97
N PRO C 20 -9.31 25.46 3.71
CA PRO C 20 -8.25 25.88 4.64
C PRO C 20 -8.32 27.36 5.01
N ALA C 21 -7.98 27.69 6.26
CA ALA C 21 -7.98 29.06 6.73
C ALA C 21 -6.55 29.46 7.09
N LYS C 22 -6.28 30.76 7.00
CA LYS C 22 -4.98 31.29 7.36
C LYS C 22 -4.87 31.40 8.87
N LEU C 23 -3.75 30.94 9.42
CA LEU C 23 -3.50 31.06 10.86
C LEU C 23 -2.93 32.45 11.15
N LEU C 24 -3.65 33.21 11.97
CA LEU C 24 -3.19 34.53 12.39
C LEU C 24 -2.49 34.51 13.73
N GLU C 25 -3.11 33.91 14.75
CA GLU C 25 -2.53 33.81 16.07
C GLU C 25 -3.00 32.52 16.72
N LYS C 26 -2.12 31.93 17.53
CA LYS C 26 -2.41 30.70 18.25
C LYS C 26 -2.33 30.97 19.75
N GLY C 27 -3.47 30.82 20.44
CA GLY C 27 -3.49 30.84 21.88
C GLY C 27 -3.64 29.44 22.45
N GLU C 28 -3.54 29.36 23.78
CA GLU C 28 -3.68 28.07 24.44
C GLU C 28 -5.12 27.57 24.45
N GLY C 29 -6.09 28.46 24.32
CA GLY C 29 -7.49 28.06 24.35
C GLY C 29 -8.20 28.21 23.01
N ALA C 30 -7.68 29.09 22.16
CA ALA C 30 -8.32 29.35 20.87
C ALA C 30 -7.27 29.80 19.87
N VAL C 31 -7.64 29.75 18.59
CA VAL C 31 -6.82 30.25 17.50
C VAL C 31 -7.62 31.28 16.72
N VAL C 32 -6.92 32.28 16.20
CA VAL C 32 -7.53 33.32 15.37
C VAL C 32 -7.15 33.03 13.93
N ILE C 33 -8.16 32.88 13.07
CA ILE C 33 -7.95 32.50 11.68
C ILE C 33 -8.68 33.50 10.78
N GLN C 34 -8.30 33.48 9.51
CA GLN C 34 -8.98 34.28 8.49
C GLN C 34 -9.39 33.37 7.34
N ASP C 35 -10.68 33.34 7.05
CA ASP C 35 -11.26 32.58 5.94
C ASP C 35 -11.98 33.58 5.06
N ASN C 36 -11.49 33.74 3.83
CA ASN C 36 -11.98 34.76 2.88
C ASN C 36 -11.89 36.11 3.56
N SER C 37 -12.98 36.86 3.73
CA SER C 37 -12.93 38.17 4.35
C SER C 37 -13.33 38.16 5.82
N ASP C 38 -13.73 37.02 6.36
CA ASP C 38 -14.17 36.93 7.75
C ASP C 38 -13.05 36.41 8.64
N ILE C 39 -12.74 37.18 9.68
CA ILE C 39 -11.80 36.77 10.71
C ILE C 39 -12.60 36.09 11.83
N LYS C 40 -12.16 34.92 12.25
CA LYS C 40 -12.91 34.11 13.19
C LYS C 40 -12.03 33.70 14.36
N VAL C 41 -12.66 33.48 15.51
CA VAL C 41 -12.03 32.94 16.70
C VAL C 41 -12.62 31.55 16.93
N VAL C 42 -11.76 30.54 16.95
CA VAL C 42 -12.21 29.16 17.04
C VAL C 42 -11.52 28.49 18.22
N PRO C 43 -12.26 27.78 19.09
CA PRO C 43 -11.62 27.04 20.17
C PRO C 43 -10.65 26.00 19.62
N ARG C 44 -9.66 25.64 20.46
CA ARG C 44 -8.64 24.70 20.02
C ARG C 44 -9.24 23.35 19.63
N ARG C 45 -10.21 22.87 20.40
CA ARG C 45 -10.82 21.57 20.12
C ARG C 45 -11.59 21.58 18.82
N LYS C 46 -12.00 22.74 18.33
CA LYS C 46 -12.75 22.87 17.09
C LYS C 46 -11.88 23.29 15.92
N ALA C 47 -10.55 23.22 16.08
CA ALA C 47 -9.62 23.64 15.05
C ALA C 47 -8.54 22.59 14.87
N LYS C 48 -8.11 22.41 13.62
CA LYS C 48 -7.03 21.48 13.30
C LYS C 48 -5.96 22.28 12.57
N ILE C 49 -4.86 22.56 13.26
CA ILE C 49 -3.73 23.26 12.65
C ILE C 49 -2.83 22.20 12.04
N ILE C 50 -2.71 22.22 10.71
CA ILE C 50 -2.00 21.19 9.97
C ILE C 50 -0.83 21.85 9.25
N ARG C 51 0.35 21.27 9.43
CA ARG C 51 1.60 21.77 8.88
C ARG C 51 1.94 21.05 7.57
N ASP C 52 2.60 21.77 6.68
CA ASP C 52 3.21 21.15 5.51
C ASP C 52 4.44 20.38 5.96
N TYR C 53 4.27 19.54 6.99
CA TYR C 53 5.38 18.85 7.63
C TYR C 53 6.09 17.93 6.64
N GLY C 54 5.32 17.09 5.96
CA GLY C 54 5.90 16.25 4.93
C GLY C 54 6.53 17.05 3.79
N LYS C 55 5.88 18.16 3.42
CA LYS C 55 6.42 19.02 2.36
C LYS C 55 7.82 19.51 2.71
N GLN C 56 8.04 19.89 3.97
CA GLN C 56 9.36 20.39 4.36
C GLN C 56 10.43 19.30 4.22
N MET C 57 10.12 18.07 4.64
CA MET C 57 11.04 16.96 4.42
C MET C 57 11.11 16.61 2.94
N ALA C 58 11.65 17.52 2.13
CA ALA C 58 11.80 17.28 0.70
C ALA C 58 13.26 16.96 0.36
N CYS D 77 4.91 13.58 -19.88
CA CYS D 77 4.18 13.89 -18.66
C CYS D 77 5.14 14.03 -17.48
N SER D 78 4.75 14.82 -16.49
CA SER D 78 5.61 15.03 -15.32
C SER D 78 5.71 13.73 -14.52
N PRO D 79 6.89 13.44 -13.95
CA PRO D 79 7.03 12.22 -13.12
C PRO D 79 6.25 12.25 -11.82
N GLY D 80 5.55 13.33 -11.50
CA GLY D 80 4.85 13.41 -10.22
C GLY D 80 3.35 13.55 -10.32
N ILE D 81 2.78 13.28 -11.49
CA ILE D 81 1.35 13.42 -11.73
C ILE D 81 0.68 12.06 -11.60
N TRP D 82 -0.37 12.00 -10.78
CA TRP D 82 -1.13 10.78 -10.57
C TRP D 82 -2.60 11.07 -10.77
N GLN D 83 -3.33 10.05 -11.22
CA GLN D 83 -4.78 10.11 -11.37
C GLN D 83 -5.41 9.08 -10.46
N LEU D 84 -6.40 9.50 -9.67
CA LEU D 84 -7.11 8.61 -8.76
C LEU D 84 -8.59 8.59 -9.11
N ASP D 85 -9.21 7.42 -8.96
CA ASP D 85 -10.64 7.27 -9.17
C ASP D 85 -11.07 5.98 -8.49
N CYS D 86 -12.38 5.86 -8.27
CA CYS D 86 -12.96 4.68 -7.66
C CYS D 86 -13.76 3.90 -8.69
N THR D 87 -13.71 2.57 -8.59
CA THR D 87 -14.56 1.68 -9.34
C THR D 87 -15.13 0.65 -8.39
N HIS D 88 -16.15 -0.08 -8.84
CA HIS D 88 -16.90 -0.95 -7.96
C HIS D 88 -17.02 -2.34 -8.57
N LEU D 89 -16.89 -3.36 -7.71
CA LEU D 89 -17.08 -4.74 -8.09
C LEU D 89 -17.63 -5.51 -6.90
N GLU D 90 -18.65 -6.34 -7.14
CA GLU D 90 -19.21 -7.21 -6.11
C GLU D 90 -19.66 -6.41 -4.89
N GLY D 91 -20.20 -5.22 -5.14
CA GLY D 91 -20.66 -4.36 -4.07
C GLY D 91 -19.58 -3.70 -3.24
N LYS D 92 -18.31 -3.80 -3.65
CA LYS D 92 -17.20 -3.25 -2.90
C LYS D 92 -16.53 -2.11 -3.67
N VAL D 93 -15.90 -1.21 -2.92
CA VAL D 93 -15.29 0.00 -3.48
C VAL D 93 -13.81 -0.25 -3.68
N ILE D 94 -13.33 0.01 -4.90
CA ILE D 94 -11.92 -0.13 -5.25
C ILE D 94 -11.37 1.24 -5.60
N LEU D 95 -10.38 1.70 -4.84
CA LEU D 95 -9.70 2.97 -5.11
C LEU D 95 -8.44 2.68 -5.91
N VAL D 96 -8.32 3.34 -7.07
CA VAL D 96 -7.27 3.06 -8.03
C VAL D 96 -6.45 4.33 -8.26
N ALA D 97 -5.13 4.19 -8.23
CA ALA D 97 -4.21 5.27 -8.57
C ALA D 97 -3.35 4.82 -9.75
N VAL D 98 -3.12 5.75 -10.68
CA VAL D 98 -2.29 5.46 -11.86
C VAL D 98 -1.25 6.56 -12.00
N HIS D 99 0.00 6.16 -12.17
CA HIS D 99 1.07 7.09 -12.53
C HIS D 99 0.99 7.34 -14.03
N VAL D 100 0.55 8.55 -14.41
CA VAL D 100 0.14 8.79 -15.80
C VAL D 100 1.28 8.56 -16.77
N ALA D 101 2.50 8.99 -16.42
CA ALA D 101 3.62 8.89 -17.34
C ALA D 101 4.05 7.45 -17.60
N SER D 102 3.78 6.53 -16.68
CA SER D 102 4.27 5.17 -16.81
C SER D 102 3.18 4.11 -16.96
N GLY D 103 1.94 4.39 -16.56
CA GLY D 103 0.91 3.37 -16.53
C GLY D 103 0.95 2.48 -15.31
N TYR D 104 1.91 2.68 -14.41
CA TYR D 104 1.95 1.95 -13.16
C TYR D 104 0.72 2.28 -12.32
N ILE D 105 0.18 1.27 -11.63
CA ILE D 105 -1.03 1.46 -10.85
C ILE D 105 -0.88 0.83 -9.47
N GLU D 106 -1.67 1.34 -8.53
CA GLU D 106 -1.89 0.72 -7.24
C GLU D 106 -3.38 0.76 -6.95
N ALA D 107 -3.86 -0.27 -6.25
CA ALA D 107 -5.29 -0.35 -5.97
C ALA D 107 -5.52 -0.97 -4.59
N GLU D 108 -6.54 -0.49 -3.90
CA GLU D 108 -6.96 -1.02 -2.62
C GLU D 108 -8.48 -1.13 -2.60
N VAL D 109 -8.98 -2.21 -2.01
CA VAL D 109 -10.39 -2.28 -1.65
C VAL D 109 -10.57 -1.53 -0.33
N ILE D 110 -11.43 -0.53 -0.33
CA ILE D 110 -11.64 0.28 0.86
C ILE D 110 -13.05 0.02 1.40
N PRO D 111 -13.24 0.03 2.72
CA PRO D 111 -14.57 -0.32 3.26
C PRO D 111 -15.63 0.73 3.01
N ALA D 112 -15.25 1.96 2.67
CA ALA D 112 -16.23 3.00 2.38
C ALA D 112 -15.58 4.04 1.46
N GLU D 113 -16.40 4.60 0.57
CA GLU D 113 -15.94 5.58 -0.40
C GLU D 113 -15.98 6.98 0.22
N THR D 114 -15.13 7.16 1.23
CA THR D 114 -15.12 8.35 2.06
C THR D 114 -13.79 9.08 1.95
N GLY D 115 -13.77 10.32 2.43
CA GLY D 115 -12.53 11.08 2.47
C GLY D 115 -11.52 10.48 3.43
N GLN D 116 -11.99 9.88 4.51
CA GLN D 116 -11.08 9.24 5.47
C GLN D 116 -10.28 8.13 4.80
N GLU D 117 -10.96 7.25 4.06
CA GLU D 117 -10.27 6.16 3.38
C GLU D 117 -9.41 6.67 2.24
N THR D 118 -9.90 7.67 1.50
CA THR D 118 -9.11 8.24 0.40
C THR D 118 -7.86 8.94 0.93
N ALA D 119 -7.99 9.67 2.04
CA ALA D 119 -6.84 10.37 2.60
C ALA D 119 -5.79 9.38 3.11
N TYR D 120 -6.22 8.29 3.74
CA TYR D 120 -5.29 7.28 4.19
C TYR D 120 -4.56 6.63 3.01
N PHE D 121 -5.29 6.35 1.94
CA PHE D 121 -4.69 5.78 0.73
C PHE D 121 -3.65 6.73 0.15
N LEU D 122 -3.92 8.03 0.16
CA LEU D 122 -3.00 9.01 -0.44
C LEU D 122 -1.73 9.14 0.39
N LEU D 123 -1.85 9.17 1.72
CA LEU D 123 -0.66 9.29 2.57
C LEU D 123 0.28 8.10 2.37
N LYS D 124 -0.28 6.89 2.22
CA LYS D 124 0.53 5.73 1.91
C LYS D 124 1.23 5.88 0.58
N LEU D 125 0.47 6.29 -0.45
CA LEU D 125 1.04 6.47 -1.78
C LEU D 125 2.12 7.55 -1.78
N ALA D 126 1.85 8.67 -1.09
CA ALA D 126 2.80 9.78 -1.08
C ALA D 126 4.11 9.40 -0.41
N GLY D 127 4.07 8.44 0.53
CA GLY D 127 5.31 8.00 1.16
C GLY D 127 6.14 7.07 0.30
N ARG D 128 5.54 6.47 -0.72
CA ARG D 128 6.25 5.55 -1.61
C ARG D 128 6.86 6.25 -2.81
N TRP D 129 6.11 7.14 -3.46
CA TRP D 129 6.51 7.77 -4.69
C TRP D 129 6.51 9.29 -4.53
N PRO D 130 7.25 10.02 -5.37
CA PRO D 130 7.13 11.48 -5.37
C PRO D 130 5.80 11.92 -5.95
N VAL D 131 4.83 12.18 -5.09
CA VAL D 131 3.48 12.54 -5.51
C VAL D 131 3.34 14.04 -5.38
N LYS D 132 3.33 14.74 -6.53
CA LYS D 132 3.23 16.19 -6.54
C LYS D 132 1.85 16.69 -6.93
N THR D 133 1.18 16.03 -7.86
CA THR D 133 -0.14 16.47 -8.31
C THR D 133 -1.04 15.25 -8.50
N VAL D 134 -2.25 15.34 -7.98
CA VAL D 134 -3.25 14.29 -8.13
C VAL D 134 -4.45 14.87 -8.88
N HIS D 135 -4.92 14.16 -9.89
N HIS D 135 -4.90 14.17 -9.90
CA HIS D 135 -6.08 14.58 -10.67
CA HIS D 135 -6.07 14.54 -10.69
C HIS D 135 -7.21 13.58 -10.42
C HIS D 135 -7.19 13.56 -10.37
N THR D 136 -8.34 14.09 -9.93
CA THR D 136 -9.52 13.27 -9.67
C THR D 136 -10.72 13.94 -10.30
N ASP D 137 -11.86 13.23 -10.30
CA ASP D 137 -13.13 13.86 -10.61
C ASP D 137 -13.62 14.59 -9.37
N ASN D 138 -14.87 15.03 -9.38
CA ASN D 138 -15.44 15.78 -8.27
C ASN D 138 -16.22 14.89 -7.30
N GLY D 139 -15.83 13.63 -7.17
CA GLY D 139 -16.45 12.77 -6.17
C GLY D 139 -16.25 13.34 -4.78
N SER D 140 -17.28 13.20 -3.94
CA SER D 140 -17.27 13.82 -2.62
C SER D 140 -16.08 13.37 -1.78
N ASN D 141 -15.64 12.12 -1.97
CA ASN D 141 -14.48 11.65 -1.21
C ASN D 141 -13.21 12.35 -1.65
N PHE D 142 -13.11 12.76 -2.92
CA PHE D 142 -11.90 13.40 -3.40
C PHE D 142 -11.86 14.89 -3.07
N THR D 143 -13.03 15.52 -2.90
CA THR D 143 -13.10 16.93 -2.54
C THR D 143 -13.26 17.14 -1.04
N SER D 144 -13.23 16.08 -0.24
CA SER D 144 -13.45 16.20 1.19
C SER D 144 -12.33 17.00 1.83
N THR D 145 -12.66 17.59 2.99
CA THR D 145 -11.67 18.36 3.74
C THR D 145 -10.55 17.46 4.26
N THR D 146 -10.87 16.22 4.62
CA THR D 146 -9.84 15.30 5.10
C THR D 146 -8.76 15.07 4.05
N VAL D 147 -9.16 14.96 2.78
CA VAL D 147 -8.18 14.79 1.71
C VAL D 147 -7.38 16.07 1.52
N LYS D 148 -8.05 17.24 1.62
CA LYS D 148 -7.32 18.50 1.55
C LYS D 148 -6.27 18.58 2.64
N ALA D 149 -6.60 18.11 3.85
CA ALA D 149 -5.64 18.12 4.94
C ALA D 149 -4.45 17.24 4.63
N ALA D 150 -4.70 16.03 4.12
CA ALA D 150 -3.59 15.12 3.81
C ALA D 150 -2.71 15.67 2.69
N CYS D 151 -3.33 16.25 1.65
CA CYS D 151 -2.54 16.79 0.55
C CYS D 151 -1.72 17.99 0.99
N TRP D 152 -2.25 18.83 1.89
CA TRP D 152 -1.47 19.92 2.42
C TRP D 152 -0.31 19.41 3.28
N TRP D 153 -0.57 18.38 4.08
CA TRP D 153 0.49 17.82 4.94
C TRP D 153 1.60 17.20 4.11
N ALA D 154 1.24 16.54 3.00
CA ALA D 154 2.21 15.81 2.19
C ALA D 154 2.75 16.64 1.03
N GLY D 155 2.25 17.85 0.81
CA GLY D 155 2.71 18.67 -0.28
C GLY D 155 2.17 18.24 -1.63
N ILE D 156 0.89 17.92 -1.71
CA ILE D 156 0.25 17.43 -2.93
C ILE D 156 -0.71 18.49 -3.43
N LYS D 157 -0.58 18.86 -4.70
CA LYS D 157 -1.54 19.74 -5.35
C LYS D 157 -2.67 18.92 -5.95
N GLN D 158 -3.89 19.40 -5.77
CA GLN D 158 -5.07 18.72 -6.29
C GLN D 158 -5.64 19.48 -7.48
N GLU D 159 -6.08 18.73 -8.48
CA GLU D 159 -6.73 19.32 -9.65
C GLU D 159 -7.93 18.48 -10.03
N PHE D 160 -9.03 19.15 -10.39
CA PHE D 160 -10.29 18.49 -10.67
C PHE D 160 -10.74 18.83 -12.08
N GLY D 161 -11.47 17.90 -12.69
CA GLY D 161 -11.98 18.09 -14.04
C GLY D 161 -10.90 18.00 -15.11
N GLY D 170 -8.83 10.68 -19.23
CA GLY D 170 -9.45 9.39 -19.43
C GLY D 170 -8.52 8.22 -19.17
N VAL D 171 -7.29 8.54 -18.76
CA VAL D 171 -6.30 7.51 -18.49
C VAL D 171 -6.78 6.57 -17.39
N ILE D 172 -7.28 7.15 -16.30
CA ILE D 172 -7.73 6.34 -15.17
C ILE D 172 -9.04 5.64 -15.49
N GLU D 173 -9.93 6.29 -16.24
CA GLU D 173 -11.18 5.65 -16.64
C GLU D 173 -10.92 4.41 -17.48
N SER D 174 -10.01 4.51 -18.45
CA SER D 174 -9.63 3.32 -19.22
C SER D 174 -8.84 2.34 -18.36
N MET D 175 -8.17 2.84 -17.32
CA MET D 175 -7.43 1.94 -16.44
C MET D 175 -8.36 1.15 -15.55
N ASN D 176 -9.48 1.76 -15.12
CA ASN D 176 -10.48 1.01 -14.37
C ASN D 176 -11.01 -0.15 -15.18
N LYS D 177 -11.28 0.07 -16.47
CA LYS D 177 -11.73 -1.00 -17.34
C LYS D 177 -10.65 -2.05 -17.51
N GLU D 178 -9.39 -1.62 -17.68
CA GLU D 178 -8.30 -2.58 -17.81
C GLU D 178 -8.13 -3.40 -16.53
N LEU D 179 -8.23 -2.75 -15.38
CA LEU D 179 -8.10 -3.48 -14.11
C LEU D 179 -9.23 -4.48 -13.93
N LYS D 180 -10.45 -4.10 -14.26
CA LYS D 180 -11.57 -5.03 -14.13
C LYS D 180 -11.41 -6.22 -15.07
N LYS D 181 -10.85 -6.01 -16.26
CA LYS D 181 -10.60 -7.11 -17.17
C LYS D 181 -9.62 -8.12 -16.56
N ILE D 182 -8.52 -7.61 -16.00
CA ILE D 182 -7.52 -8.51 -15.41
C ILE D 182 -8.05 -9.18 -14.15
N ILE D 183 -8.88 -8.47 -13.37
CA ILE D 183 -9.48 -9.09 -12.19
C ILE D 183 -10.31 -10.30 -12.59
N GLY D 184 -11.14 -10.16 -13.61
CA GLY D 184 -11.96 -11.27 -14.07
C GLY D 184 -11.15 -12.44 -14.59
N GLN D 185 -9.97 -12.16 -15.16
CA GLN D 185 -9.13 -13.24 -15.66
C GLN D 185 -8.59 -14.11 -14.53
N VAL D 186 -8.33 -13.52 -13.37
CA VAL D 186 -7.74 -14.24 -12.24
C VAL D 186 -8.71 -14.37 -11.08
N ARG D 187 -9.99 -14.08 -11.28
CA ARG D 187 -10.93 -14.04 -10.17
C ARG D 187 -11.08 -15.41 -9.52
N ASP D 188 -11.07 -16.47 -10.33
CA ASP D 188 -11.24 -17.81 -9.78
C ASP D 188 -10.03 -18.29 -8.99
N GLN D 189 -8.91 -17.58 -9.05
CA GLN D 189 -7.72 -17.97 -8.30
C GLN D 189 -7.74 -17.50 -6.85
N ALA D 190 -8.82 -16.83 -6.43
CA ALA D 190 -8.89 -16.29 -5.08
C ALA D 190 -10.34 -16.25 -4.63
N GLU D 191 -10.57 -16.50 -3.34
CA GLU D 191 -11.92 -16.42 -2.79
C GLU D 191 -12.36 -14.98 -2.62
N HIS D 192 -11.48 -14.13 -2.07
N HIS D 192 -11.48 -14.13 -2.07
CA HIS D 192 -11.82 -12.76 -1.74
CA HIS D 192 -11.82 -12.76 -1.74
C HIS D 192 -11.45 -11.83 -2.89
C HIS D 192 -11.44 -11.81 -2.86
N LEU D 193 -12.30 -10.83 -3.10
CA LEU D 193 -12.05 -9.85 -4.16
C LEU D 193 -10.74 -9.10 -3.92
N LYS D 194 -10.47 -8.73 -2.67
CA LYS D 194 -9.26 -7.98 -2.36
C LYS D 194 -7.99 -8.73 -2.79
N THR D 195 -8.00 -10.06 -2.70
CA THR D 195 -6.87 -10.84 -3.20
C THR D 195 -6.76 -10.74 -4.72
N ALA D 196 -7.88 -10.86 -5.42
CA ALA D 196 -7.86 -10.78 -6.88
C ALA D 196 -7.45 -9.39 -7.37
N VAL D 197 -7.80 -8.34 -6.63
CA VAL D 197 -7.41 -6.99 -7.03
C VAL D 197 -5.89 -6.87 -7.01
N GLN D 198 -5.25 -7.38 -5.95
CA GLN D 198 -3.80 -7.26 -5.86
C GLN D 198 -3.09 -8.22 -6.82
N MET D 199 -3.71 -9.35 -7.15
CA MET D 199 -3.19 -10.18 -8.23
C MET D 199 -3.23 -9.43 -9.56
N ALA D 200 -4.34 -8.74 -9.83
CA ALA D 200 -4.48 -8.01 -11.08
C ALA D 200 -3.50 -6.84 -11.16
N VAL D 201 -3.28 -6.15 -10.05
CA VAL D 201 -2.30 -5.06 -10.03
C VAL D 201 -0.90 -5.60 -10.31
N PHE D 202 -0.57 -6.73 -9.70
CA PHE D 202 0.70 -7.40 -9.97
C PHE D 202 0.86 -7.66 -11.46
N ILE D 203 -0.13 -8.31 -12.06
CA ILE D 203 -0.04 -8.67 -13.48
C ILE D 203 0.09 -7.43 -14.34
N HIS D 204 -0.69 -6.39 -14.04
CA HIS D 204 -0.62 -5.18 -14.87
C HIS D 204 0.75 -4.53 -14.80
N ASN D 205 1.34 -4.46 -13.60
CA ASN D 205 2.60 -3.76 -13.44
C ASN D 205 3.81 -4.56 -13.88
N LYS D 206 3.72 -5.89 -13.90
CA LYS D 206 4.85 -6.74 -14.28
C LYS D 206 4.86 -7.14 -15.75
N LYS D 207 3.74 -6.95 -16.46
CA LYS D 207 3.67 -7.42 -17.83
C LYS D 207 4.48 -6.53 -18.76
N ARG D 208 5.36 -7.14 -19.55
CA ARG D 208 6.20 -6.41 -20.48
C ARG D 208 5.47 -6.15 -21.79
N LYS D 209 5.80 -5.02 -22.41
CA LYS D 209 5.17 -4.62 -23.66
C LYS D 209 5.90 -5.25 -24.86
N GLY D 214 11.07 -4.62 -24.40
CA GLY D 214 10.12 -3.69 -23.81
C GLY D 214 10.13 -3.71 -22.30
N TYR D 215 9.58 -2.66 -21.69
CA TYR D 215 9.52 -2.54 -20.24
C TYR D 215 8.09 -2.72 -19.75
N SER D 216 7.98 -3.12 -18.49
CA SER D 216 6.71 -3.17 -17.80
C SER D 216 6.43 -1.81 -17.15
N ALA D 217 5.19 -1.63 -16.70
CA ALA D 217 4.83 -0.37 -16.05
C ALA D 217 5.66 -0.16 -14.79
N GLY D 218 5.92 -1.23 -14.03
CA GLY D 218 6.74 -1.10 -12.84
C GLY D 218 8.16 -0.68 -13.15
N GLU D 219 8.70 -1.19 -14.27
CA GLU D 219 10.04 -0.77 -14.68
C GLU D 219 10.04 0.66 -15.20
N ARG D 220 8.96 1.09 -15.85
CA ARG D 220 8.94 2.44 -16.43
C ARG D 220 8.89 3.51 -15.35
N ILE D 221 8.06 3.32 -14.32
CA ILE D 221 7.96 4.35 -13.28
C ILE D 221 9.26 4.47 -12.51
N VAL D 222 9.91 3.35 -12.23
CA VAL D 222 11.22 3.37 -11.56
C VAL D 222 12.25 4.07 -12.43
N ASP D 223 12.21 3.82 -13.74
CA ASP D 223 13.15 4.48 -14.65
C ASP D 223 12.87 5.97 -14.76
N ILE D 224 11.59 6.35 -14.86
CA ILE D 224 11.22 7.74 -15.04
C ILE D 224 11.62 8.57 -13.82
N ILE D 225 11.37 8.04 -12.62
CA ILE D 225 11.66 8.79 -11.41
C ILE D 225 13.16 8.90 -11.18
N ALA D 226 13.91 7.82 -11.43
CA ALA D 226 15.35 7.85 -11.22
C ALA D 226 16.02 8.86 -12.13
N THR D 227 15.54 8.98 -13.38
CA THR D 227 16.08 9.99 -14.28
C THR D 227 15.80 11.40 -13.77
N ASP D 228 14.63 11.61 -13.16
CA ASP D 228 14.25 12.91 -12.65
C ASP D 228 15.04 13.31 -11.41
N ILE D 229 15.70 12.37 -10.74
CA ILE D 229 16.46 12.69 -9.54
C ILE D 229 17.71 13.47 -9.92
N GLN D 230 17.97 14.56 -9.20
CA GLN D 230 19.07 15.45 -9.51
C GLN D 230 20.40 14.86 -9.04
N THR D 231 21.49 15.34 -9.64
CA THR D 231 22.82 14.83 -9.32
C THR D 231 23.35 15.42 -8.02
#